data_4X8W
#
_entry.id   4X8W
#
_cell.length_a   66.018
_cell.length_b   112.970
_cell.length_c   114.049
_cell.angle_alpha   90.00
_cell.angle_beta   90.00
_cell.angle_gamma   90.00
#
_symmetry.space_group_name_H-M   'P 21 21 21'
#
loop_
_entity.id
_entity.type
_entity.pdbx_description
1 polymer 'Loquacious, isoform B'
2 polymer Loquacious
3 non-polymer GLYCEROL
4 water water
#
loop_
_entity_poly.entity_id
_entity_poly.type
_entity_poly.pdbx_seq_one_letter_code
_entity_poly.pdbx_strand_id
1 'polypeptide(L)'
;GGGIDYI(MLY)LLGEIATENQFEVTYVDIEE(MLY)TFSGQFQCLVQLSTLPVGVCHGSGPTAADAQRHAAQNALEYL
(MLY)IMT
;
A,B,C,D,E,F,G
2 'polypeptide(L)' AAAAAAAAAAAAAAAAAAAAAAAAAAAAAAAAAAAAAAAAAAAAAAAA H
#
loop_
_chem_comp.id
_chem_comp.type
_chem_comp.name
_chem_comp.formula
GOL non-polymer GLYCEROL 'C3 H8 O3'
#
# COMPACT_ATOMS: atom_id res chain seq x y z
N GLY A 3 -9.45 -6.80 40.69
CA GLY A 3 -10.27 -7.93 41.10
C GLY A 3 -10.03 -9.12 40.18
N ILE A 4 -9.86 -8.81 38.89
CA ILE A 4 -9.63 -9.80 37.83
C ILE A 4 -8.47 -9.36 36.92
N ASP A 5 -7.57 -10.28 36.59
CA ASP A 5 -6.45 -9.94 35.70
C ASP A 5 -6.85 -10.07 34.20
N TYR A 6 -7.40 -9.00 33.64
CA TYR A 6 -7.82 -9.03 32.24
C TYR A 6 -6.65 -9.17 31.28
N ILE A 7 -5.58 -8.46 31.58
CA ILE A 7 -4.38 -8.54 30.76
C ILE A 7 -3.88 -9.98 30.67
N MLY A 8 -3.75 -10.67 31.82
CA MLY A 8 -3.34 -12.08 31.85
CB MLY A 8 -3.17 -12.55 33.29
CG MLY A 8 -3.10 -14.06 33.51
CD MLY A 8 -2.77 -14.34 34.96
CE MLY A 8 -2.46 -15.81 35.22
NZ MLY A 8 -1.61 -15.97 36.45
CH1 MLY A 8 -0.32 -15.33 36.17
CH2 MLY A 8 -2.25 -15.23 37.55
C MLY A 8 -4.32 -13.01 31.13
O MLY A 8 -3.93 -13.79 30.28
N LEU A 9 -5.59 -12.89 31.47
CA LEU A 9 -6.63 -13.68 30.80
C LEU A 9 -6.59 -13.55 29.27
N LEU A 10 -6.51 -12.32 28.76
CA LEU A 10 -6.43 -12.10 27.31
C LEU A 10 -5.17 -12.75 26.74
N GLY A 11 -4.05 -12.59 27.44
CA GLY A 11 -2.82 -13.23 27.03
C GLY A 11 -2.98 -14.73 26.83
N GLU A 12 -3.55 -15.41 27.81
CA GLU A 12 -3.76 -16.86 27.73
C GLU A 12 -4.61 -17.22 26.51
N ILE A 13 -5.73 -16.54 26.31
CA ILE A 13 -6.59 -16.82 25.17
C ILE A 13 -5.79 -16.66 23.88
N ALA A 14 -4.89 -15.67 23.85
CA ALA A 14 -4.06 -15.40 22.68
C ALA A 14 -3.08 -16.55 22.40
N THR A 15 -2.56 -17.14 23.47
CA THR A 15 -1.65 -18.26 23.34
C THR A 15 -2.33 -19.50 22.75
N GLU A 16 -3.49 -19.88 23.30
CA GLU A 16 -4.18 -21.06 22.81
C GLU A 16 -4.84 -20.88 21.45
N ASN A 17 -5.15 -19.64 21.07
CA ASN A 17 -5.73 -19.41 19.75
C ASN A 17 -4.67 -18.96 18.74
N GLN A 18 -3.42 -18.96 19.18
CA GLN A 18 -2.26 -18.68 18.33
C GLN A 18 -2.36 -17.32 17.62
N PHE A 19 -2.80 -16.28 18.34
CA PHE A 19 -2.67 -14.92 17.83
C PHE A 19 -1.86 -14.09 18.83
N GLU A 20 -1.32 -12.98 18.36
CA GLU A 20 -0.55 -12.09 19.22
C GLU A 20 -1.35 -10.86 19.67
N VAL A 21 -0.99 -10.38 20.87
CA VAL A 21 -1.60 -9.21 21.50
C VAL A 21 -0.60 -8.06 21.65
N THR A 22 -0.92 -6.90 21.08
CA THR A 22 -0.03 -5.76 21.16
C THR A 22 -0.72 -4.53 21.75
N TYR A 23 -0.15 -4.02 22.83
CA TYR A 23 -0.64 -2.81 23.48
C TYR A 23 0.09 -1.56 23.01
N VAL A 24 -0.65 -0.50 22.75
CA VAL A 24 -0.03 0.75 22.40
C VAL A 24 -0.53 1.83 23.36
N ASP A 25 0.39 2.41 24.12
CA ASP A 25 0.00 3.55 24.93
C ASP A 25 -0.01 4.79 24.06
N ILE A 26 -1.13 5.51 24.02
CA ILE A 26 -1.26 6.71 23.17
C ILE A 26 -0.79 7.93 23.95
N GLU A 27 -0.01 8.79 23.30
CA GLU A 27 0.61 9.90 24.02
C GLU A 27 -0.38 11.03 24.32
N GLU A 28 -1.31 11.28 23.40
CA GLU A 28 -2.37 12.27 23.59
C GLU A 28 -3.40 11.69 24.57
N MLY A 29 -3.87 12.49 25.52
CA MLY A 29 -5.02 12.12 26.36
CB MLY A 29 -5.11 13.02 27.58
CG MLY A 29 -3.83 13.11 28.40
CD MLY A 29 -3.64 11.92 29.35
CE MLY A 29 -2.14 11.65 29.66
NZ MLY A 29 -1.45 12.53 30.68
CH1 MLY A 29 -0.11 11.97 30.83
CH2 MLY A 29 -1.16 13.88 30.11
C MLY A 29 -6.33 12.21 25.59
O MLY A 29 -6.40 12.83 24.53
N THR A 30 -7.39 11.60 26.13
CA THR A 30 -8.73 11.73 25.57
C THR A 30 -9.26 13.15 25.79
N PHE A 31 -10.43 13.41 25.20
CA PHE A 31 -11.11 14.69 25.33
C PHE A 31 -11.30 15.09 26.80
N SER A 32 -11.64 14.14 27.67
CA SER A 32 -11.81 14.47 29.09
C SER A 32 -10.50 14.42 29.86
N GLY A 33 -9.38 14.21 29.17
CA GLY A 33 -8.08 14.24 29.82
C GLY A 33 -7.58 12.92 30.37
N GLN A 34 -8.20 11.80 29.98
CA GLN A 34 -7.77 10.50 30.49
C GLN A 34 -6.67 9.85 29.64
N PHE A 35 -5.87 8.99 30.27
CA PHE A 35 -4.90 8.18 29.55
C PHE A 35 -5.64 7.28 28.61
N GLN A 36 -4.98 6.95 27.50
CA GLN A 36 -5.60 6.23 26.41
C GLN A 36 -4.79 5.01 25.98
N CYS A 37 -5.45 3.92 25.66
CA CYS A 37 -4.74 2.74 25.19
C CYS A 37 -5.43 1.97 24.07
N LEU A 38 -4.65 1.51 23.09
CA LEU A 38 -5.13 0.59 22.03
C LEU A 38 -4.54 -0.80 22.19
N VAL A 39 -5.37 -1.82 22.02
CA VAL A 39 -4.84 -3.19 21.99
C VAL A 39 -5.20 -3.85 20.66
N GLN A 40 -4.21 -4.41 19.98
CA GLN A 40 -4.41 -5.09 18.69
C GLN A 40 -4.32 -6.62 18.78
N LEU A 41 -5.29 -7.31 18.21
CA LEU A 41 -5.27 -8.78 18.14
C LEU A 41 -4.94 -9.21 16.71
N SER A 42 -3.98 -10.08 16.51
CA SER A 42 -3.61 -10.44 15.14
C SER A 42 -4.49 -11.58 14.63
N THR A 43 -5.77 -11.46 14.95
CA THR A 43 -6.83 -12.27 14.40
C THR A 43 -7.00 -11.90 12.93
N LEU A 44 -7.78 -12.66 12.18
CA LEU A 44 -8.10 -12.21 10.84
C LEU A 44 -9.60 -12.01 10.72
N PRO A 45 -10.03 -10.77 10.41
CA PRO A 45 -9.29 -9.51 10.42
C PRO A 45 -8.78 -9.11 11.81
N VAL A 46 -7.84 -8.20 11.85
CA VAL A 46 -7.24 -7.77 13.11
C VAL A 46 -8.30 -7.14 13.97
N GLY A 47 -8.47 -7.63 15.21
CA GLY A 47 -9.41 -6.96 16.10
C GLY A 47 -8.69 -5.85 16.81
N VAL A 48 -9.33 -4.69 16.92
CA VAL A 48 -8.78 -3.55 17.67
C VAL A 48 -9.67 -2.96 18.76
N CYS A 49 -9.18 -2.95 20.00
CA CYS A 49 -9.95 -2.42 21.13
C CYS A 49 -9.26 -1.24 21.81
N HIS A 50 -10.07 -0.34 22.33
CA HIS A 50 -9.61 0.89 22.96
C HIS A 50 -9.90 0.85 24.49
N GLY A 51 -9.08 1.49 25.31
CA GLY A 51 -9.33 1.60 26.74
C GLY A 51 -8.97 2.97 27.30
N SER A 52 -9.63 3.39 28.39
CA SER A 52 -9.34 4.69 28.97
C SER A 52 -9.25 4.64 30.49
N GLY A 53 -8.45 5.53 31.07
CA GLY A 53 -8.33 5.61 32.52
C GLY A 53 -7.50 6.74 33.11
N PRO A 54 -7.51 6.86 34.44
CA PRO A 54 -6.75 7.89 35.17
C PRO A 54 -5.24 7.64 35.11
N THR A 55 -4.86 6.37 34.95
CA THR A 55 -3.46 6.02 34.74
C THR A 55 -3.36 5.20 33.46
N ALA A 56 -2.17 5.18 32.88
CA ALA A 56 -1.91 4.35 31.71
C ALA A 56 -2.28 2.90 32.01
N ALA A 57 -1.91 2.45 33.20
CA ALA A 57 -2.17 1.08 33.61
C ALA A 57 -3.66 0.74 33.58
N ASP A 58 -4.51 1.61 34.12
CA ASP A 58 -5.96 1.37 34.03
C ASP A 58 -6.42 1.34 32.59
N ALA A 59 -5.84 2.19 31.74
CA ALA A 59 -6.19 2.19 30.32
C ALA A 59 -5.87 0.84 29.68
N GLN A 60 -4.74 0.23 30.05
CA GLN A 60 -4.43 -1.09 29.51
C GLN A 60 -5.41 -2.14 29.96
N ARG A 61 -5.75 -2.11 31.25
CA ARG A 61 -6.67 -3.11 31.82
C ARG A 61 -8.02 -2.99 31.14
N HIS A 62 -8.47 -1.77 30.88
CA HIS A 62 -9.73 -1.59 30.16
C HIS A 62 -9.67 -2.00 28.68
N ALA A 63 -8.54 -1.75 28.03
CA ALA A 63 -8.41 -2.25 26.67
C ALA A 63 -8.49 -3.79 26.65
N ALA A 64 -7.78 -4.47 27.55
CA ALA A 64 -7.83 -5.93 27.59
C ALA A 64 -9.23 -6.47 27.87
N GLN A 65 -9.91 -5.82 28.82
CA GLN A 65 -11.27 -6.17 29.17
C GLN A 65 -12.21 -6.04 27.95
N ASN A 66 -12.12 -4.94 27.23
CA ASN A 66 -12.88 -4.77 26.00
C ASN A 66 -12.54 -5.83 24.94
N ALA A 67 -11.27 -6.21 24.83
CA ALA A 67 -10.86 -7.27 23.90
C ALA A 67 -11.54 -8.62 24.25
N LEU A 68 -11.66 -8.93 25.54
CA LEU A 68 -12.46 -10.07 26.01
C LEU A 68 -13.94 -9.95 25.61
N GLU A 69 -14.54 -8.77 25.78
CA GLU A 69 -15.89 -8.56 25.25
C GLU A 69 -15.92 -8.78 23.74
N TYR A 70 -14.94 -8.20 23.05
CA TYR A 70 -14.78 -8.34 21.60
C TYR A 70 -14.69 -9.78 21.08
N LEU A 71 -13.86 -10.59 21.72
CA LEU A 71 -13.67 -11.98 21.31
C LEU A 71 -14.97 -12.81 21.41
N MLY A 72 -15.92 -12.37 22.22
CA MLY A 72 -17.18 -13.10 22.38
CB MLY A 72 -17.78 -12.91 23.79
CG MLY A 72 -17.08 -13.72 24.88
CD MLY A 72 -17.83 -13.70 26.21
CE MLY A 72 -17.94 -12.30 26.81
NZ MLY A 72 -18.26 -12.33 28.29
CH1 MLY A 72 -18.20 -10.96 28.81
CH2 MLY A 72 -19.64 -12.81 28.48
C MLY A 72 -18.23 -12.78 21.30
O MLY A 72 -19.33 -13.33 21.32
N ILE A 73 -17.89 -11.90 20.35
CA ILE A 73 -18.84 -11.52 19.31
C ILE A 73 -18.31 -11.57 17.87
N MET A 74 -16.99 -11.52 17.69
CA MET A 74 -16.30 -11.50 16.38
C MET A 74 -17.15 -11.82 15.15
N ILE B 4 -21.88 3.90 -33.95
CA ILE B 4 -21.02 4.78 -33.18
C ILE B 4 -19.70 4.11 -32.86
N ASP B 5 -18.60 4.85 -32.98
CA ASP B 5 -17.27 4.37 -32.66
C ASP B 5 -16.98 4.53 -31.16
N TYR B 6 -17.26 3.48 -30.38
CA TYR B 6 -17.17 3.58 -28.93
C TYR B 6 -15.72 3.65 -28.43
N ILE B 7 -14.81 3.00 -29.14
CA ILE B 7 -13.42 3.04 -28.74
C ILE B 7 -12.84 4.45 -28.82
N MLY B 8 -13.20 5.20 -29.87
CA MLY B 8 -12.75 6.58 -30.03
CB MLY B 8 -13.13 7.14 -31.40
C MLY B 8 -13.32 7.46 -28.92
O MLY B 8 -12.61 8.25 -28.32
N LEU B 9 -14.61 7.30 -28.64
CA LEU B 9 -15.28 8.11 -27.63
C LEU B 9 -14.77 7.83 -26.22
N LEU B 10 -14.48 6.55 -25.94
CA LEU B 10 -13.97 6.18 -24.64
C LEU B 10 -12.59 6.79 -24.46
N GLY B 11 -11.80 6.76 -25.54
CA GLY B 11 -10.45 7.30 -25.51
C GLY B 11 -10.42 8.80 -25.26
N GLU B 12 -11.33 9.53 -25.92
CA GLU B 12 -11.45 10.97 -25.75
C GLU B 12 -11.87 11.36 -24.33
N ILE B 13 -12.88 10.68 -23.79
CA ILE B 13 -13.29 10.83 -22.39
C ILE B 13 -12.15 10.56 -21.41
N ALA B 14 -11.35 9.53 -21.71
CA ALA B 14 -10.20 9.20 -20.86
C ALA B 14 -9.13 10.29 -20.85
N THR B 15 -8.72 10.77 -22.03
CA THR B 15 -7.72 11.83 -22.12
C THR B 15 -8.21 13.09 -21.42
N GLU B 16 -9.49 13.42 -21.61
CA GLU B 16 -10.08 14.59 -20.96
C GLU B 16 -10.10 14.42 -19.44
N ASN B 17 -10.70 13.34 -18.95
CA ASN B 17 -10.79 13.12 -17.51
C ASN B 17 -9.56 12.49 -16.87
N GLN B 18 -8.46 12.43 -17.62
CA GLN B 18 -7.17 11.94 -17.14
C GLN B 18 -7.22 10.60 -16.40
N PHE B 19 -7.66 9.55 -17.10
CA PHE B 19 -7.39 8.18 -16.67
C PHE B 19 -6.88 7.35 -17.85
N GLU B 20 -6.52 6.10 -17.58
CA GLU B 20 -5.98 5.23 -18.62
C GLU B 20 -6.97 4.14 -19.02
N VAL B 21 -6.90 3.75 -20.29
CA VAL B 21 -7.73 2.70 -20.84
C VAL B 21 -6.85 1.56 -21.33
N THR B 22 -6.99 0.39 -20.72
CA THR B 22 -6.20 -0.77 -21.12
C THR B 22 -7.09 -1.88 -21.67
N TYR B 23 -6.92 -2.22 -22.95
CA TYR B 23 -7.62 -3.38 -23.53
C TYR B 23 -6.77 -4.66 -23.40
N VAL B 24 -7.42 -5.76 -22.97
CA VAL B 24 -6.76 -7.06 -22.86
C VAL B 24 -7.53 -8.07 -23.66
N ASP B 25 -6.91 -8.60 -24.72
CA ASP B 25 -7.57 -9.57 -25.59
C ASP B 25 -7.44 -10.97 -25.01
N ILE B 26 -8.44 -11.40 -24.25
CA ILE B 26 -8.40 -12.70 -23.61
C ILE B 26 -8.17 -13.81 -24.65
N GLU B 27 -7.12 -14.60 -24.45
CA GLU B 27 -6.72 -15.61 -25.43
C GLU B 27 -7.73 -16.75 -25.51
N GLU B 28 -8.28 -17.13 -24.36
CA GLU B 28 -9.28 -18.17 -24.31
C GLU B 28 -10.64 -17.57 -24.69
N MLY B 29 -11.49 -18.37 -25.32
CA MLY B 29 -12.81 -17.88 -25.70
CB MLY B 29 -13.19 -18.40 -27.10
CG MLY B 29 -12.30 -17.85 -28.20
CD MLY B 29 -12.77 -18.22 -29.58
CE MLY B 29 -11.62 -18.05 -30.58
NZ MLY B 29 -10.50 -19.00 -30.27
CH1 MLY B 29 -10.73 -20.23 -31.05
CH2 MLY B 29 -9.24 -18.38 -30.71
C MLY B 29 -13.90 -18.18 -24.67
O MLY B 29 -13.67 -18.93 -23.72
N THR B 30 -15.07 -17.57 -24.86
CA THR B 30 -16.21 -17.76 -23.97
C THR B 30 -16.78 -19.18 -24.09
N PHE B 31 -17.72 -19.52 -23.20
CA PHE B 31 -18.36 -20.83 -23.25
C PHE B 31 -18.99 -21.12 -24.61
N SER B 32 -19.53 -20.08 -25.25
CA SER B 32 -20.17 -20.24 -26.55
C SER B 32 -19.18 -20.03 -27.71
N GLY B 33 -17.89 -19.99 -27.37
CA GLY B 33 -16.84 -19.95 -28.38
C GLY B 33 -16.64 -18.63 -29.07
N GLN B 34 -16.74 -17.53 -28.33
CA GLN B 34 -16.62 -16.21 -28.92
C GLN B 34 -15.40 -15.43 -28.41
N PHE B 35 -14.93 -14.50 -29.24
CA PHE B 35 -13.86 -13.58 -28.86
C PHE B 35 -14.23 -12.68 -27.67
N GLN B 36 -13.56 -12.86 -26.53
CA GLN B 36 -13.83 -11.99 -25.38
C GLN B 36 -12.66 -11.07 -25.05
N CYS B 37 -12.99 -9.81 -24.78
CA CYS B 37 -12.02 -8.80 -24.42
C CYS B 37 -12.42 -8.13 -23.09
N LEU B 38 -11.43 -7.61 -22.38
CA LEU B 38 -11.61 -6.93 -21.12
C LEU B 38 -11.03 -5.55 -21.24
N VAL B 39 -11.73 -4.54 -20.76
CA VAL B 39 -11.15 -3.20 -20.72
C VAL B 39 -11.02 -2.77 -19.26
N GLN B 40 -9.89 -2.17 -18.92
CA GLN B 40 -9.69 -1.59 -17.59
C GLN B 40 -9.57 -0.08 -17.60
N LEU B 41 -10.25 0.58 -16.67
CA LEU B 41 -10.14 2.01 -16.51
C LEU B 41 -9.35 2.28 -15.23
N SER B 42 -8.43 3.23 -15.27
CA SER B 42 -7.60 3.49 -14.09
C SER B 42 -8.29 4.52 -13.22
N THR B 43 -9.61 4.38 -13.14
CA THR B 43 -10.42 5.16 -12.22
C THR B 43 -10.19 4.67 -10.79
N LEU B 44 -10.82 5.35 -9.85
CA LEU B 44 -10.71 5.00 -8.43
C LEU B 44 -12.11 4.92 -7.88
N PRO B 45 -12.60 3.70 -7.63
CA PRO B 45 -11.93 2.42 -7.84
C PRO B 45 -11.70 2.06 -9.29
N VAL B 46 -10.80 1.13 -9.57
CA VAL B 46 -10.55 0.70 -10.94
C VAL B 46 -11.77 0.04 -11.54
N GLY B 47 -12.15 0.51 -12.72
CA GLY B 47 -13.30 -0.02 -13.45
C GLY B 47 -12.97 -1.08 -14.49
N VAL B 48 -13.80 -2.13 -14.57
CA VAL B 48 -13.54 -3.26 -15.45
C VAL B 48 -14.80 -3.68 -16.24
N CYS B 49 -14.69 -3.71 -17.56
CA CYS B 49 -15.83 -4.12 -18.39
C CYS B 49 -15.45 -5.21 -19.38
N HIS B 50 -16.46 -5.88 -19.93
CA HIS B 50 -16.27 -7.09 -20.72
C HIS B 50 -16.97 -6.97 -22.07
N GLY B 51 -16.39 -7.59 -23.10
CA GLY B 51 -16.93 -7.52 -24.46
C GLY B 51 -16.83 -8.86 -25.16
N SER B 52 -17.77 -9.12 -26.07
CA SER B 52 -17.86 -10.38 -26.84
C SER B 52 -18.16 -10.13 -28.31
N GLY B 53 -17.76 -11.05 -29.17
CA GLY B 53 -18.06 -10.90 -30.59
C GLY B 53 -17.36 -11.88 -31.51
N PRO B 54 -17.75 -11.85 -32.79
CA PRO B 54 -17.21 -12.71 -33.85
C PRO B 54 -15.79 -12.37 -34.27
N THR B 55 -15.33 -11.15 -33.98
CA THR B 55 -13.94 -10.76 -34.17
C THR B 55 -13.36 -10.20 -32.88
N ALA B 56 -12.04 -10.06 -32.82
CA ALA B 56 -11.42 -9.45 -31.67
C ALA B 56 -11.77 -7.97 -31.65
N ALA B 57 -12.03 -7.44 -32.82
CA ALA B 57 -12.32 -6.02 -32.94
C ALA B 57 -13.70 -5.73 -32.38
N ASP B 58 -14.66 -6.59 -32.71
CA ASP B 58 -16.02 -6.45 -32.18
C ASP B 58 -16.05 -6.55 -30.66
N ALA B 59 -15.28 -7.49 -30.12
CA ALA B 59 -15.18 -7.66 -28.67
C ALA B 59 -14.68 -6.39 -27.99
N GLN B 60 -13.68 -5.77 -28.61
CA GLN B 60 -13.09 -4.56 -28.05
C GLN B 60 -14.10 -3.43 -28.09
N ARG B 61 -14.81 -3.30 -29.21
CA ARG B 61 -15.78 -2.22 -29.31
C ARG B 61 -16.87 -2.43 -28.27
N HIS B 62 -17.31 -3.67 -28.10
CA HIS B 62 -18.37 -3.92 -27.12
C HIS B 62 -17.89 -3.69 -25.69
N ALA B 63 -16.61 -3.93 -25.44
CA ALA B 63 -16.00 -3.63 -24.15
C ALA B 63 -15.98 -2.10 -23.91
N ALA B 64 -15.61 -1.36 -24.94
CA ALA B 64 -15.62 0.09 -24.88
C ALA B 64 -17.03 0.61 -24.66
N GLN B 65 -17.98 -0.02 -25.33
CA GLN B 65 -19.39 0.35 -25.23
C GLN B 65 -19.84 0.24 -23.79
N ASN B 66 -19.55 -0.91 -23.19
CA ASN B 66 -19.87 -1.16 -21.79
C ASN B 66 -19.13 -0.26 -20.83
N ALA B 67 -17.86 0.04 -21.14
CA ALA B 67 -17.10 0.99 -20.32
C ALA B 67 -17.80 2.35 -20.32
N LEU B 68 -18.41 2.75 -21.45
CA LEU B 68 -19.09 4.06 -21.48
C LEU B 68 -20.33 4.03 -20.59
N GLU B 69 -20.97 2.86 -20.52
CA GLU B 69 -22.07 2.64 -19.58
C GLU B 69 -21.60 2.70 -18.14
N TYR B 70 -20.47 2.08 -17.85
CA TYR B 70 -19.95 2.09 -16.50
C TYR B 70 -19.70 3.53 -16.02
N LEU B 71 -19.10 4.36 -16.88
CA LEU B 71 -18.78 5.74 -16.53
C LEU B 71 -20.00 6.59 -16.21
N MLY B 72 -21.10 6.35 -16.92
CA MLY B 72 -22.37 7.03 -16.65
CB MLY B 72 -23.43 6.62 -17.67
CG MLY B 72 -23.22 7.23 -19.06
CD MLY B 72 -24.20 6.63 -20.03
CE MLY B 72 -24.04 7.17 -21.45
NZ MLY B 72 -25.01 6.43 -22.28
CH1 MLY B 72 -25.47 7.30 -23.37
CH2 MLY B 72 -24.31 5.27 -22.83
C MLY B 72 -22.86 6.71 -15.24
O MLY B 72 -23.20 7.61 -14.48
N ILE B 73 -22.87 5.42 -14.92
CA ILE B 73 -23.24 4.95 -13.59
C ILE B 73 -22.52 5.74 -12.50
N MET B 74 -21.20 5.85 -12.64
CA MET B 74 -20.32 6.53 -11.68
C MET B 74 -20.15 8.03 -11.96
N THR B 75 -21.15 8.64 -12.58
CA THR B 75 -21.17 10.08 -12.86
C THR B 75 -19.91 10.56 -13.61
N GLY C 3 -2.40 -4.74 -22.59
CA GLY C 3 -1.82 -5.40 -21.42
C GLY C 3 -0.34 -5.72 -21.63
N ILE C 4 0.53 -4.93 -21.03
CA ILE C 4 1.96 -5.10 -21.20
C ILE C 4 2.54 -6.08 -20.16
N ASP C 5 3.35 -7.03 -20.61
CA ASP C 5 4.02 -7.97 -19.72
C ASP C 5 5.33 -7.35 -19.23
N TYR C 6 5.23 -6.61 -18.14
CA TYR C 6 6.37 -5.87 -17.60
C TYR C 6 7.52 -6.78 -17.16
N ILE C 7 7.19 -7.89 -16.50
CA ILE C 7 8.19 -8.85 -16.08
C ILE C 7 9.04 -9.37 -17.26
N MLY C 8 8.38 -9.67 -18.38
CA MLY C 8 9.06 -10.14 -19.58
CB MLY C 8 8.07 -10.75 -20.57
CG MLY C 8 8.68 -11.25 -21.88
CD MLY C 8 7.64 -11.29 -23.00
CE MLY C 8 8.24 -11.66 -24.34
NZ MLY C 8 7.24 -11.63 -25.46
CH1 MLY C 8 8.00 -11.94 -26.69
CH2 MLY C 8 6.26 -12.71 -25.26
C MLY C 8 9.84 -9.00 -20.24
O MLY C 8 10.97 -9.17 -20.70
N LEU C 9 9.22 -7.82 -20.25
CA LEU C 9 9.88 -6.64 -20.77
C LEU C 9 11.15 -6.32 -20.00
N LEU C 10 11.07 -6.29 -18.66
CA LEU C 10 12.23 -6.05 -17.82
C LEU C 10 13.32 -7.08 -18.08
N GLY C 11 12.92 -8.34 -18.25
CA GLY C 11 13.85 -9.41 -18.59
C GLY C 11 14.67 -9.14 -19.85
N GLU C 12 13.99 -8.71 -20.91
CA GLU C 12 14.64 -8.42 -22.18
C GLU C 12 15.69 -7.31 -22.01
N ILE C 13 15.28 -6.21 -21.38
CA ILE C 13 16.19 -5.10 -21.11
C ILE C 13 17.37 -5.57 -20.25
N ALA C 14 17.12 -6.46 -19.31
CA ALA C 14 18.19 -6.96 -18.44
C ALA C 14 19.20 -7.81 -19.24
N THR C 15 18.70 -8.66 -20.13
CA THR C 15 19.57 -9.45 -20.97
C THR C 15 20.38 -8.55 -21.93
N GLU C 16 19.70 -7.61 -22.57
CA GLU C 16 20.35 -6.75 -23.55
C GLU C 16 21.40 -5.85 -22.94
N ASN C 17 21.18 -5.46 -21.68
CA ASN C 17 22.11 -4.56 -21.02
C ASN C 17 23.02 -5.26 -20.02
N GLN C 18 22.92 -6.59 -19.98
CA GLN C 18 23.80 -7.42 -19.14
C GLN C 18 23.77 -7.09 -17.67
N PHE C 19 22.58 -6.92 -17.10
CA PHE C 19 22.43 -6.90 -15.65
C PHE C 19 21.46 -8.01 -15.22
N GLU C 20 21.52 -8.39 -13.95
CA GLU C 20 20.61 -9.41 -13.45
C GLU C 20 19.43 -8.81 -12.71
N VAL C 21 18.29 -9.51 -12.79
CA VAL C 21 17.05 -9.10 -12.13
C VAL C 21 16.66 -10.14 -11.09
N THR C 22 16.46 -9.70 -9.85
CA THR C 22 16.09 -10.60 -8.76
C THR C 22 14.82 -10.15 -8.05
N TYR C 23 13.78 -10.99 -8.01
CA TYR C 23 12.55 -10.64 -7.29
C TYR C 23 12.55 -11.19 -5.88
N VAL C 24 12.19 -10.35 -4.92
CA VAL C 24 12.02 -10.82 -3.55
C VAL C 24 10.62 -10.48 -3.04
N ASP C 25 9.82 -11.50 -2.76
CA ASP C 25 8.50 -11.29 -2.16
C ASP C 25 8.64 -11.02 -0.66
N ILE C 26 8.03 -9.95 -0.18
CA ILE C 26 8.07 -9.63 1.25
C ILE C 26 6.88 -10.30 1.93
N GLU C 27 7.08 -10.82 3.14
CA GLU C 27 6.00 -11.56 3.79
C GLU C 27 4.90 -10.67 4.35
N GLU C 28 5.25 -9.56 4.96
CA GLU C 28 4.23 -8.66 5.49
C GLU C 28 3.51 -7.97 4.34
N MLY C 29 2.19 -7.95 4.44
CA MLY C 29 1.37 -7.11 3.57
CB MLY C 29 -0.08 -7.61 3.54
CG MLY C 29 -0.20 -9.13 3.49
CD MLY C 29 -1.13 -9.64 2.41
CE MLY C 29 -2.59 -9.59 2.87
NZ MLY C 29 -3.51 -10.24 1.89
CH1 MLY C 29 -3.36 -11.69 2.12
CH2 MLY C 29 -4.88 -9.89 2.25
C MLY C 29 1.45 -5.69 4.11
O MLY C 29 1.96 -5.46 5.21
N THR C 30 0.99 -4.73 3.33
CA THR C 30 0.94 -3.37 3.81
C THR C 30 -0.22 -3.24 4.77
N PHE C 31 -0.37 -2.10 5.42
CA PHE C 31 -1.52 -1.89 6.29
C PHE C 31 -2.84 -2.05 5.49
N SER C 32 -2.84 -1.65 4.23
CA SER C 32 -4.09 -1.74 3.45
C SER C 32 -4.37 -3.12 2.86
N GLY C 33 -3.53 -4.11 3.21
CA GLY C 33 -3.77 -5.48 2.77
C GLY C 33 -3.12 -5.84 1.45
N GLN C 34 -2.17 -5.01 1.00
CA GLN C 34 -1.50 -5.26 -0.28
C GLN C 34 -0.26 -6.14 -0.16
N PHE C 35 -0.08 -7.05 -1.10
CA PHE C 35 1.17 -7.79 -1.19
C PHE C 35 2.34 -6.89 -1.58
N GLN C 36 3.54 -7.26 -1.14
CA GLN C 36 4.71 -6.44 -1.44
C GLN C 36 5.82 -7.26 -2.08
N CYS C 37 6.45 -6.65 -3.07
CA CYS C 37 7.55 -7.29 -3.75
C CYS C 37 8.65 -6.25 -3.94
N LEU C 38 9.90 -6.69 -3.81
CA LEU C 38 11.05 -5.89 -4.19
C LEU C 38 11.69 -6.52 -5.42
N VAL C 39 12.05 -5.71 -6.40
CA VAL C 39 12.87 -6.21 -7.52
C VAL C 39 14.23 -5.51 -7.53
N GLN C 40 15.28 -6.31 -7.51
CA GLN C 40 16.66 -5.83 -7.51
C GLN C 40 17.30 -5.93 -8.90
N LEU C 41 17.90 -4.84 -9.35
CA LEU C 41 18.68 -4.83 -10.59
C LEU C 41 20.17 -4.80 -10.28
N SER C 42 20.98 -5.67 -10.87
CA SER C 42 22.38 -5.63 -10.46
C SER C 42 23.20 -4.76 -11.44
N THR C 43 22.70 -3.54 -11.61
CA THR C 43 23.41 -2.47 -12.26
C THR C 43 24.49 -1.97 -11.32
N LEU C 44 25.43 -1.19 -11.84
CA LEU C 44 26.39 -0.51 -10.99
C LEU C 44 25.99 0.94 -10.67
N PRO C 45 25.60 1.24 -9.43
CA PRO C 45 25.18 0.52 -8.20
C PRO C 45 23.87 -0.25 -8.36
N VAL C 46 23.58 -1.23 -7.49
CA VAL C 46 22.35 -1.99 -7.65
C VAL C 46 21.19 -1.02 -7.45
N GLY C 47 20.13 -1.21 -8.23
CA GLY C 47 18.96 -0.37 -8.11
C GLY C 47 17.90 -1.31 -7.58
N VAL C 48 17.11 -0.80 -6.64
CA VAL C 48 16.04 -1.55 -6.00
C VAL C 48 14.72 -0.82 -6.11
N CYS C 49 13.74 -1.46 -6.74
CA CYS C 49 12.43 -0.87 -6.99
C CYS C 49 11.38 -1.71 -6.27
N HIS C 50 10.29 -1.07 -5.86
CA HIS C 50 9.25 -1.71 -5.05
C HIS C 50 7.93 -1.90 -5.82
N GLY C 51 7.15 -2.94 -5.47
CA GLY C 51 5.82 -3.10 -6.03
C GLY C 51 4.75 -3.58 -5.03
N SER C 52 3.50 -3.15 -5.25
CA SER C 52 2.38 -3.53 -4.37
C SER C 52 1.25 -4.04 -5.21
N GLY C 53 0.46 -4.95 -4.66
CA GLY C 53 -0.72 -5.42 -5.38
C GLY C 53 -1.63 -6.30 -4.57
N PRO C 54 -2.82 -6.58 -5.11
CA PRO C 54 -3.86 -7.40 -4.49
C PRO C 54 -3.47 -8.88 -4.38
N THR C 55 -2.64 -9.39 -5.28
CA THR C 55 -2.05 -10.73 -5.13
C THR C 55 -0.54 -10.62 -5.22
N ALA C 56 0.16 -11.67 -4.78
CA ALA C 56 1.61 -11.73 -4.93
C ALA C 56 2.07 -11.53 -6.38
N ALA C 57 1.37 -12.17 -7.31
CA ALA C 57 1.73 -12.05 -8.71
C ALA C 57 1.66 -10.62 -9.22
N ASP C 58 0.59 -9.90 -8.88
CA ASP C 58 0.44 -8.51 -9.30
C ASP C 58 1.52 -7.60 -8.69
N ALA C 59 1.90 -7.88 -7.44
CA ALA C 59 2.94 -7.11 -6.79
C ALA C 59 4.25 -7.26 -7.58
N GLN C 60 4.53 -8.47 -8.07
CA GLN C 60 5.74 -8.66 -8.87
C GLN C 60 5.65 -7.82 -10.13
N ARG C 61 4.48 -7.82 -10.77
CA ARG C 61 4.30 -7.07 -12.03
C ARG C 61 4.47 -5.57 -11.85
N HIS C 62 3.95 -5.03 -10.76
CA HIS C 62 4.12 -3.61 -10.46
C HIS C 62 5.57 -3.29 -10.09
N ALA C 63 6.24 -4.21 -9.39
CA ALA C 63 7.67 -4.03 -9.15
C ALA C 63 8.40 -3.94 -10.51
N ALA C 64 8.06 -4.81 -11.46
CA ALA C 64 8.73 -4.75 -12.77
C ALA C 64 8.49 -3.40 -13.42
N GLN C 65 7.26 -2.91 -13.37
CA GLN C 65 6.94 -1.61 -13.93
C GLN C 65 7.74 -0.45 -13.30
N ASN C 66 7.78 -0.38 -11.98
CA ASN C 66 8.60 0.64 -11.31
C ASN C 66 10.08 0.52 -11.67
N ALA C 67 10.58 -0.70 -11.85
CA ALA C 67 11.96 -0.92 -12.25
C ALA C 67 12.24 -0.29 -13.61
N LEU C 68 11.29 -0.45 -14.54
CA LEU C 68 11.34 0.19 -15.85
C LEU C 68 11.34 1.72 -15.70
N GLU C 69 10.50 2.24 -14.80
CA GLU C 69 10.51 3.67 -14.48
C GLU C 69 11.88 4.08 -13.98
N TYR C 70 12.43 3.27 -13.10
CA TYR C 70 13.76 3.53 -12.58
C TYR C 70 14.78 3.63 -13.70
N LEU C 71 14.70 2.70 -14.65
CA LEU C 71 15.63 2.61 -15.77
C LEU C 71 15.64 3.87 -16.65
N MLY C 72 14.55 4.64 -16.61
CA MLY C 72 14.49 5.92 -17.35
CB MLY C 72 13.05 6.22 -17.80
CG MLY C 72 12.47 5.11 -18.70
CD MLY C 72 10.94 5.14 -18.83
CE MLY C 72 10.44 3.82 -19.47
NZ MLY C 72 8.96 3.69 -19.75
CH1 MLY C 72 8.74 2.28 -20.17
CH2 MLY C 72 8.17 3.90 -18.52
C MLY C 72 15.14 7.11 -16.60
O MLY C 72 15.53 8.09 -17.23
N ILE C 73 15.29 7.01 -15.28
CA ILE C 73 15.74 8.15 -14.47
C ILE C 73 17.14 8.06 -13.80
N MET C 74 17.73 6.87 -13.68
CA MET C 74 19.02 6.73 -12.98
C MET C 74 20.16 7.44 -13.70
N GLY D 3 -27.55 -23.11 -16.57
CA GLY D 3 -26.21 -23.01 -17.12
C GLY D 3 -25.17 -22.96 -16.03
N ILE D 4 -23.90 -22.70 -16.39
CA ILE D 4 -22.82 -22.62 -15.41
C ILE D 4 -23.09 -21.51 -14.39
N ASP D 5 -22.95 -21.85 -13.11
CA ASP D 5 -23.21 -20.88 -12.05
C ASP D 5 -21.96 -20.04 -11.75
N TYR D 6 -21.81 -18.94 -12.47
CA TYR D 6 -20.67 -18.03 -12.34
C TYR D 6 -20.63 -17.36 -10.98
N ILE D 7 -21.80 -17.00 -10.46
CA ILE D 7 -21.92 -16.39 -9.16
C ILE D 7 -21.31 -17.26 -8.06
N MLY D 8 -21.53 -18.58 -8.17
CA MLY D 8 -21.00 -19.56 -7.24
CB MLY D 8 -21.76 -20.89 -7.39
CG MLY D 8 -21.15 -22.08 -6.66
CD MLY D 8 -21.71 -23.38 -7.21
CE MLY D 8 -22.62 -24.09 -6.20
NZ MLY D 8 -21.82 -24.79 -5.15
CH1 MLY D 8 -22.76 -25.61 -4.38
CH2 MLY D 8 -20.87 -25.69 -5.83
C MLY D 8 -19.52 -19.79 -7.48
O MLY D 8 -18.73 -19.88 -6.54
N LEU D 9 -19.15 -19.86 -8.74
CA LEU D 9 -17.77 -20.10 -9.14
C LEU D 9 -16.90 -18.91 -8.71
N LEU D 10 -17.38 -17.70 -8.97
CA LEU D 10 -16.72 -16.49 -8.53
C LEU D 10 -16.54 -16.48 -7.02
N GLY D 11 -17.58 -16.93 -6.32
CA GLY D 11 -17.54 -17.05 -4.87
C GLY D 11 -16.40 -17.93 -4.42
N GLU D 12 -16.29 -19.10 -5.05
CA GLU D 12 -15.24 -20.05 -4.72
C GLU D 12 -13.86 -19.47 -5.00
N ILE D 13 -13.63 -19.01 -6.23
CA ILE D 13 -12.35 -18.46 -6.63
C ILE D 13 -11.96 -17.19 -5.82
N ALA D 14 -12.94 -16.34 -5.49
CA ALA D 14 -12.63 -15.11 -4.76
C ALA D 14 -12.19 -15.37 -3.34
N THR D 15 -12.91 -16.26 -2.67
CA THR D 15 -12.58 -16.62 -1.30
C THR D 15 -11.22 -17.32 -1.28
N GLU D 16 -11.03 -18.19 -2.26
CA GLU D 16 -9.82 -18.99 -2.39
C GLU D 16 -8.59 -18.11 -2.66
N ASN D 17 -8.81 -16.94 -3.24
CA ASN D 17 -7.74 -15.96 -3.42
C ASN D 17 -7.84 -14.80 -2.41
N GLN D 18 -8.66 -14.97 -1.38
CA GLN D 18 -8.80 -13.96 -0.34
C GLN D 18 -9.36 -12.66 -0.86
N PHE D 19 -10.44 -12.74 -1.62
CA PHE D 19 -11.19 -11.54 -1.98
C PHE D 19 -12.61 -11.64 -1.47
N GLU D 20 -13.22 -10.50 -1.23
CA GLU D 20 -14.65 -10.47 -0.92
C GLU D 20 -15.41 -9.98 -2.15
N VAL D 21 -16.63 -10.48 -2.30
CA VAL D 21 -17.49 -10.16 -3.43
C VAL D 21 -18.76 -9.41 -3.01
N THR D 22 -18.98 -8.22 -3.54
CA THR D 22 -20.20 -7.47 -3.25
C THR D 22 -20.95 -7.13 -4.55
N TYR D 23 -22.21 -7.56 -4.64
CA TYR D 23 -23.08 -7.22 -5.79
C TYR D 23 -23.86 -5.95 -5.53
N VAL D 24 -23.86 -5.08 -6.52
CA VAL D 24 -24.65 -3.86 -6.48
C VAL D 24 -25.57 -3.84 -7.70
N ASP D 25 -26.87 -3.87 -7.48
CA ASP D 25 -27.80 -3.72 -8.60
C ASP D 25 -27.93 -2.23 -8.87
N ILE D 26 -27.75 -1.85 -10.13
CA ILE D 26 -27.85 -0.45 -10.52
C ILE D 26 -29.29 -0.21 -10.94
N GLU D 27 -29.84 0.96 -10.63
CA GLU D 27 -31.21 1.23 -11.04
C GLU D 27 -31.29 1.69 -12.50
N GLU D 28 -30.33 2.52 -12.93
CA GLU D 28 -30.35 3.06 -14.30
C GLU D 28 -30.03 1.94 -15.28
N MLY D 29 -30.80 1.89 -16.36
CA MLY D 29 -30.60 0.87 -17.37
CB MLY D 29 -31.91 0.64 -18.14
CG MLY D 29 -33.18 0.51 -17.27
CD MLY D 29 -32.99 -0.47 -16.11
CE MLY D 29 -33.95 -1.66 -16.16
NZ MLY D 29 -35.37 -1.26 -16.25
CH1 MLY D 29 -35.98 -2.30 -17.08
CH2 MLY D 29 -36.01 -1.41 -14.93
C MLY D 29 -29.50 1.35 -18.32
O MLY D 29 -29.12 2.52 -18.28
N THR D 30 -28.98 0.45 -19.16
CA THR D 30 -28.10 0.83 -20.27
C THR D 30 -28.89 1.61 -21.30
N PHE D 31 -28.20 2.12 -22.30
CA PHE D 31 -28.88 2.85 -23.34
C PHE D 31 -29.95 1.98 -24.03
N SER D 32 -29.67 0.69 -24.19
CA SER D 32 -30.58 -0.28 -24.83
C SER D 32 -31.67 -0.91 -23.88
N GLY D 33 -31.80 -0.38 -22.67
CA GLY D 33 -32.87 -0.77 -21.76
C GLY D 33 -32.59 -1.97 -20.88
N GLN D 34 -31.33 -2.37 -20.78
CA GLN D 34 -30.95 -3.56 -20.02
C GLN D 34 -30.57 -3.21 -18.57
N PHE D 35 -30.77 -4.17 -17.66
CA PHE D 35 -30.35 -4.06 -16.26
C PHE D 35 -28.84 -4.03 -16.13
N GLN D 36 -28.32 -3.35 -15.11
CA GLN D 36 -26.86 -3.27 -14.92
C GLN D 36 -26.48 -3.69 -13.52
N CYS D 37 -25.39 -4.44 -13.41
CA CYS D 37 -24.91 -4.85 -12.10
C CYS D 37 -23.43 -4.55 -12.02
N LEU D 38 -22.98 -4.14 -10.84
CA LEU D 38 -21.58 -3.94 -10.54
C LEU D 38 -21.16 -4.99 -9.49
N VAL D 39 -20.06 -5.68 -9.73
CA VAL D 39 -19.50 -6.61 -8.75
C VAL D 39 -18.19 -6.03 -8.23
N GLN D 40 -18.11 -5.88 -6.92
CA GLN D 40 -16.94 -5.30 -6.29
C GLN D 40 -16.07 -6.39 -5.73
N LEU D 41 -14.78 -6.35 -6.07
CA LEU D 41 -13.82 -7.23 -5.44
C LEU D 41 -12.95 -6.44 -4.46
N SER D 42 -13.00 -6.86 -3.21
CA SER D 42 -12.22 -6.21 -2.17
C SER D 42 -11.12 -7.11 -1.63
N THR D 43 -10.05 -6.50 -1.13
CA THR D 43 -9.11 -7.26 -0.35
C THR D 43 -9.83 -7.48 0.98
N LEU D 44 -9.32 -8.38 1.80
CA LEU D 44 -9.85 -8.60 3.16
C LEU D 44 -9.74 -7.36 4.04
N PRO D 45 -10.77 -7.12 4.85
CA PRO D 45 -10.74 -5.85 5.58
C PRO D 45 -9.53 -5.71 6.51
N VAL D 46 -9.13 -4.46 6.66
CA VAL D 46 -7.95 -4.07 7.42
C VAL D 46 -8.04 -4.31 8.91
N GLY D 47 -9.15 -3.85 9.48
CA GLY D 47 -9.37 -3.95 10.90
C GLY D 47 -10.82 -3.79 11.32
N VAL D 48 -11.13 -4.43 12.44
CA VAL D 48 -12.42 -4.33 13.08
C VAL D 48 -12.20 -3.69 14.43
N CYS D 49 -12.84 -2.54 14.65
CA CYS D 49 -12.61 -1.80 15.87
C CYS D 49 -13.85 -1.83 16.73
N HIS D 50 -13.63 -2.01 18.03
CA HIS D 50 -14.70 -2.25 18.98
C HIS D 50 -15.04 -0.99 19.76
N GLY D 51 -16.33 -0.82 20.06
CA GLY D 51 -16.77 0.23 20.96
C GLY D 51 -17.96 -0.22 21.77
N SER D 52 -18.10 0.32 22.98
CA SER D 52 -19.26 0.00 23.82
C SER D 52 -19.76 1.28 24.47
N GLY D 53 -21.03 1.33 24.80
CA GLY D 53 -21.58 2.48 25.49
C GLY D 53 -23.00 2.25 26.01
N PRO D 54 -23.52 3.21 26.77
CA PRO D 54 -24.87 3.14 27.35
C PRO D 54 -25.99 3.18 26.30
N THR D 55 -25.75 3.81 25.15
CA THR D 55 -26.71 3.75 24.04
C THR D 55 -26.02 3.22 22.78
N ALA D 56 -26.82 2.77 21.81
CA ALA D 56 -26.30 2.37 20.51
C ALA D 56 -25.50 3.52 19.90
N ALA D 57 -25.99 4.74 20.06
CA ALA D 57 -25.29 5.91 19.57
C ALA D 57 -23.92 6.01 20.22
N ASP D 58 -23.88 5.85 21.54
CA ASP D 58 -22.62 5.89 22.28
C ASP D 58 -21.68 4.76 21.90
N ALA D 59 -22.22 3.57 21.67
CA ALA D 59 -21.39 2.45 21.24
C ALA D 59 -20.76 2.73 19.87
N GLN D 60 -21.55 3.27 18.96
CA GLN D 60 -21.07 3.62 17.65
C GLN D 60 -20.00 4.70 17.73
N ARG D 61 -20.28 5.73 18.51
CA ARG D 61 -19.36 6.84 18.61
C ARG D 61 -18.03 6.41 19.24
N HIS D 62 -18.09 5.51 20.23
CA HIS D 62 -16.87 4.99 20.88
C HIS D 62 -16.08 4.10 19.93
N ALA D 63 -16.79 3.34 19.13
CA ALA D 63 -16.17 2.54 18.11
C ALA D 63 -15.38 3.42 17.12
N ALA D 64 -15.97 4.54 16.72
CA ALA D 64 -15.32 5.52 15.84
C ALA D 64 -14.06 6.11 16.50
N GLN D 65 -14.16 6.34 17.81
CA GLN D 65 -13.06 6.83 18.65
C GLN D 65 -11.86 5.91 18.57
N ASN D 66 -12.13 4.63 18.79
CA ASN D 66 -11.14 3.59 18.67
C ASN D 66 -10.50 3.56 17.26
N ALA D 67 -11.35 3.56 16.23
CA ALA D 67 -10.87 3.51 14.85
C ALA D 67 -10.03 4.74 14.48
N LEU D 68 -10.40 5.92 14.96
CA LEU D 68 -9.56 7.10 14.72
C LEU D 68 -8.17 6.93 15.26
N GLU D 69 -8.09 6.51 16.52
CA GLU D 69 -6.80 6.28 17.19
C GLU D 69 -5.97 5.24 16.45
N TYR D 70 -6.64 4.17 16.02
CA TYR D 70 -5.99 3.11 15.28
C TYR D 70 -5.36 3.61 13.99
N LEU D 71 -6.14 4.34 13.19
CA LEU D 71 -5.69 4.94 11.94
C LEU D 71 -4.55 5.99 12.15
N MLY D 72 -4.70 6.83 13.19
CA MLY D 72 -3.67 7.79 13.59
CB MLY D 72 -4.12 8.59 14.83
CG MLY D 72 -5.16 9.69 14.55
CD MLY D 72 -5.93 10.17 15.80
CE MLY D 72 -5.07 10.95 16.81
NZ MLY D 72 -5.84 11.26 18.07
CH1 MLY D 72 -4.90 11.38 19.19
CH2 MLY D 72 -6.46 12.58 17.89
C MLY D 72 -2.34 7.11 13.88
O MLY D 72 -1.28 7.73 13.77
N ILE D 73 -2.38 5.83 14.24
CA ILE D 73 -1.18 5.10 14.61
C ILE D 73 -0.68 4.21 13.48
N MET D 74 -1.60 3.70 12.67
CA MET D 74 -1.27 2.77 11.58
C MET D 74 -1.15 3.48 10.25
N THR D 75 -1.27 4.82 10.29
CA THR D 75 -1.18 5.65 9.11
C THR D 75 -2.38 5.42 8.21
N GLY E 1 -24.34 19.27 23.85
CA GLY E 1 -24.29 20.14 22.70
C GLY E 1 -22.90 20.15 22.07
N GLY E 2 -21.94 19.60 22.79
CA GLY E 2 -20.56 19.58 22.34
C GLY E 2 -19.94 18.19 22.34
N GLY E 3 -18.75 18.08 22.93
CA GLY E 3 -17.95 16.88 22.85
C GLY E 3 -17.26 16.77 21.49
N ILE E 4 -16.48 15.70 21.30
CA ILE E 4 -15.80 15.46 20.03
C ILE E 4 -16.67 14.59 19.12
N ASP E 5 -16.81 14.99 17.85
CA ASP E 5 -17.62 14.25 16.89
C ASP E 5 -16.80 13.14 16.23
N TYR E 6 -16.76 11.96 16.85
CA TYR E 6 -15.89 10.89 16.36
C TYR E 6 -16.30 10.33 14.99
N ILE E 7 -17.59 10.16 14.76
CA ILE E 7 -18.09 9.64 13.49
C ILE E 7 -17.70 10.54 12.29
N MLY E 8 -17.69 11.86 12.51
CA MLY E 8 -17.29 12.79 11.46
CB MLY E 8 -17.74 14.23 11.74
C MLY E 8 -15.78 12.76 11.24
O MLY E 8 -15.33 12.66 10.09
N LEU E 9 -15.01 12.83 12.32
CA LEU E 9 -13.56 12.76 12.21
C LEU E 9 -13.11 11.44 11.58
N LEU E 10 -13.66 10.32 12.06
CA LEU E 10 -13.34 9.02 11.45
C LEU E 10 -13.70 9.02 9.97
N GLY E 11 -14.81 9.64 9.62
CA GLY E 11 -15.20 9.79 8.24
C GLY E 11 -14.14 10.51 7.40
N GLU E 12 -13.67 11.66 7.90
CA GLU E 12 -12.67 12.44 7.17
C GLU E 12 -11.34 11.72 6.98
N ILE E 13 -10.76 11.24 8.07
CA ILE E 13 -9.48 10.53 8.05
C ILE E 13 -9.54 9.27 7.20
N ALA E 14 -10.66 8.57 7.24
CA ALA E 14 -10.80 7.36 6.46
C ALA E 14 -10.75 7.71 4.98
N THR E 15 -11.41 8.81 4.64
CA THR E 15 -11.49 9.26 3.26
C THR E 15 -10.12 9.66 2.69
N GLU E 16 -9.33 10.42 3.44
CA GLU E 16 -8.03 10.85 2.92
C GLU E 16 -7.10 9.65 2.77
N ASN E 17 -7.36 8.59 3.52
CA ASN E 17 -6.56 7.39 3.42
C ASN E 17 -7.23 6.32 2.58
N GLN E 18 -8.34 6.68 1.94
CA GLN E 18 -9.04 5.79 1.01
C GLN E 18 -9.53 4.49 1.67
N PHE E 19 -10.17 4.62 2.84
CA PHE E 19 -10.81 3.47 3.46
C PHE E 19 -12.30 3.71 3.50
N GLU E 20 -13.07 2.62 3.51
CA GLU E 20 -14.49 2.73 3.73
C GLU E 20 -14.81 2.27 5.15
N VAL E 21 -15.79 2.92 5.76
CA VAL E 21 -16.16 2.65 7.14
C VAL E 21 -17.55 2.06 7.26
N THR E 22 -17.65 0.90 7.89
CA THR E 22 -18.97 0.29 8.08
C THR E 22 -19.28 0.06 9.55
N TYR E 23 -20.38 0.64 9.99
CA TYR E 23 -20.83 0.45 11.36
C TYR E 23 -21.76 -0.75 11.44
N VAL E 24 -21.47 -1.63 12.41
CA VAL E 24 -22.30 -2.81 12.68
C VAL E 24 -22.74 -2.74 14.13
N ASP E 25 -24.04 -2.60 14.38
CA ASP E 25 -24.54 -2.62 15.75
C ASP E 25 -24.68 -4.09 16.19
N ILE E 26 -24.12 -4.41 17.35
CA ILE E 26 -24.07 -5.78 17.84
C ILE E 26 -25.28 -6.15 18.72
N GLU E 27 -25.72 -7.39 18.58
CA GLU E 27 -26.93 -7.87 19.24
C GLU E 27 -26.75 -8.05 20.74
N GLU E 28 -25.64 -8.69 21.12
CA GLU E 28 -25.34 -8.93 22.53
C GLU E 28 -24.89 -7.68 23.26
N MLY E 29 -25.12 -7.67 24.56
CA MLY E 29 -24.65 -6.58 25.40
CB MLY E 29 -25.72 -6.22 26.43
CG MLY E 29 -27.05 -5.88 25.80
CD MLY E 29 -27.01 -4.56 25.02
CE MLY E 29 -28.28 -4.32 24.23
NZ MLY E 29 -29.50 -4.37 25.11
CH1 MLY E 29 -29.44 -3.20 26.01
CH2 MLY E 29 -30.65 -4.20 24.22
C MLY E 29 -23.35 -7.02 26.10
O MLY E 29 -23.03 -8.21 26.16
N THR E 30 -22.60 -6.05 26.62
CA THR E 30 -21.44 -6.39 27.46
C THR E 30 -21.94 -6.98 28.76
N PHE E 31 -21.02 -7.50 29.57
CA PHE E 31 -21.42 -8.05 30.86
C PHE E 31 -22.22 -7.04 31.70
N SER E 32 -21.79 -5.78 31.69
CA SER E 32 -22.48 -4.76 32.45
C SER E 32 -23.72 -4.22 31.71
N GLY E 33 -24.09 -4.87 30.61
CA GLY E 33 -25.34 -4.56 29.93
C GLY E 33 -25.29 -3.44 28.91
N GLN E 34 -24.10 -3.02 28.51
CA GLN E 34 -23.97 -1.93 27.55
C GLN E 34 -23.99 -2.40 26.10
N PHE E 35 -24.45 -1.49 25.22
CA PHE E 35 -24.51 -1.69 23.77
C PHE E 35 -23.14 -1.88 23.13
N GLN E 36 -23.08 -2.64 22.04
CA GLN E 36 -21.81 -2.89 21.38
C GLN E 36 -21.85 -2.58 19.88
N CYS E 37 -20.79 -1.97 19.39
CA CYS E 37 -20.69 -1.66 17.97
C CYS E 37 -19.33 -2.06 17.45
N LEU E 38 -19.31 -2.56 16.22
CA LEU E 38 -18.05 -2.84 15.53
C LEU E 38 -17.93 -1.87 14.35
N VAL E 39 -16.75 -1.29 14.19
CA VAL E 39 -16.49 -0.48 13.03
C VAL E 39 -15.52 -1.29 12.20
N GLN E 40 -15.92 -1.60 10.98
CA GLN E 40 -15.11 -2.41 10.11
C GLN E 40 -14.43 -1.47 9.13
N LEU E 41 -13.11 -1.58 9.02
CA LEU E 41 -12.34 -0.78 8.06
C LEU E 41 -11.91 -1.64 6.89
N SER E 42 -12.24 -1.16 5.70
CA SER E 42 -11.93 -1.87 4.47
C SER E 42 -11.43 -0.85 3.47
N THR E 43 -10.62 -1.30 2.53
CA THR E 43 -10.25 -0.48 1.39
C THR E 43 -11.27 -0.38 0.25
N LEU E 44 -11.03 0.61 -0.60
CA LEU E 44 -11.69 0.75 -1.87
C LEU E 44 -11.48 -0.52 -2.67
N PRO E 45 -12.52 -1.01 -3.35
CA PRO E 45 -12.36 -2.29 -4.05
C PRO E 45 -11.20 -2.26 -5.05
N VAL E 46 -10.60 -3.42 -5.32
CA VAL E 46 -9.49 -3.46 -6.25
C VAL E 46 -10.04 -3.17 -7.66
N GLY E 47 -11.09 -3.91 -7.99
CA GLY E 47 -11.81 -3.78 -9.23
C GLY E 47 -13.31 -3.74 -9.05
N VAL E 48 -13.98 -3.00 -9.91
CA VAL E 48 -15.44 -3.01 -9.89
C VAL E 48 -15.82 -3.51 -11.28
N CYS E 49 -16.56 -4.62 -11.36
CA CYS E 49 -16.82 -5.23 -12.66
C CYS E 49 -18.26 -5.07 -13.08
N HIS E 50 -18.45 -4.83 -14.36
CA HIS E 50 -19.73 -4.43 -14.91
C HIS E 50 -20.39 -5.59 -15.63
N GLY E 51 -21.72 -5.65 -15.53
CA GLY E 51 -22.52 -6.61 -16.27
C GLY E 51 -23.88 -6.02 -16.63
N SER E 52 -24.46 -6.49 -17.73
CA SER E 52 -25.77 -6.05 -18.15
C SER E 52 -26.57 -7.24 -18.64
N GLY E 53 -27.89 -7.16 -18.57
CA GLY E 53 -28.73 -8.22 -19.10
C GLY E 53 -30.19 -7.83 -19.09
N PRO E 54 -31.05 -8.67 -19.70
CA PRO E 54 -32.50 -8.48 -19.81
C PRO E 54 -33.21 -8.62 -18.47
N THR E 55 -32.61 -9.36 -17.55
CA THR E 55 -33.10 -9.40 -16.18
C THR E 55 -31.98 -9.05 -15.21
N ALA E 56 -32.36 -8.60 -14.02
CA ALA E 56 -31.41 -8.29 -12.95
C ALA E 56 -30.48 -9.46 -12.62
N ALA E 57 -31.03 -10.67 -12.63
CA ALA E 57 -30.26 -11.89 -12.38
C ALA E 57 -29.18 -12.09 -13.45
N ASP E 58 -29.56 -11.87 -14.71
CA ASP E 58 -28.64 -11.96 -15.87
C ASP E 58 -27.54 -10.92 -15.76
N ALA E 59 -27.91 -9.72 -15.32
CA ALA E 59 -26.93 -8.68 -15.11
C ALA E 59 -25.93 -9.17 -14.07
N GLN E 60 -26.43 -9.84 -13.03
CA GLN E 60 -25.55 -10.40 -12.00
C GLN E 60 -24.65 -11.53 -12.53
N ARG E 61 -25.23 -12.42 -13.31
CA ARG E 61 -24.48 -13.53 -13.90
C ARG E 61 -23.38 -13.04 -14.86
N HIS E 62 -23.68 -12.02 -15.66
CA HIS E 62 -22.70 -11.45 -16.57
C HIS E 62 -21.61 -10.67 -15.85
N ALA E 63 -22.00 -9.96 -14.79
CA ALA E 63 -21.04 -9.26 -13.95
C ALA E 63 -20.04 -10.26 -13.31
N ALA E 64 -20.55 -11.40 -12.83
CA ALA E 64 -19.70 -12.42 -12.23
C ALA E 64 -18.69 -13.00 -13.23
N GLN E 65 -19.18 -13.25 -14.43
CA GLN E 65 -18.40 -13.80 -15.52
C GLN E 65 -17.21 -12.87 -15.83
N ASN E 66 -17.49 -11.58 -15.90
CA ASN E 66 -16.47 -10.55 -16.03
C ASN E 66 -15.46 -10.58 -14.86
N ALA E 67 -15.96 -10.70 -13.64
CA ALA E 67 -15.09 -10.73 -12.47
C ALA E 67 -14.13 -11.91 -12.49
N LEU E 68 -14.64 -13.06 -12.92
CA LEU E 68 -13.79 -14.24 -13.05
C LEU E 68 -12.66 -14.00 -14.03
N GLU E 69 -12.99 -13.46 -15.21
CA GLU E 69 -11.96 -13.13 -16.20
C GLU E 69 -10.96 -12.15 -15.64
N TYR E 70 -11.44 -11.13 -14.93
CA TYR E 70 -10.52 -10.18 -14.31
C TYR E 70 -9.60 -10.87 -13.28
N LEU E 71 -10.16 -11.70 -12.41
CA LEU E 71 -9.38 -12.40 -11.39
C LEU E 71 -8.26 -13.25 -11.97
N MLY E 72 -8.54 -13.89 -13.10
CA MLY E 72 -7.52 -14.60 -13.88
CB MLY E 72 -8.14 -15.13 -15.18
CG MLY E 72 -7.67 -16.50 -15.61
CD MLY E 72 -8.75 -17.55 -15.46
CE MLY E 72 -9.93 -17.34 -16.43
NZ MLY E 72 -10.92 -18.48 -16.46
CH1 MLY E 72 -11.87 -18.34 -15.33
CH2 MLY E 72 -11.71 -18.35 -17.69
C MLY E 72 -6.34 -13.67 -14.19
O MLY E 72 -5.19 -14.02 -13.97
N ILE E 73 -6.64 -12.46 -14.64
CA ILE E 73 -5.61 -11.49 -15.04
C ILE E 73 -4.77 -11.01 -13.86
N MET E 74 -5.30 -11.03 -12.63
CA MET E 74 -4.47 -10.59 -11.50
C MET E 74 -3.89 -11.70 -10.63
N THR E 75 -4.18 -12.96 -10.95
CA THR E 75 -3.68 -14.04 -10.11
C THR E 75 -2.58 -14.81 -10.83
N LEU F 41 34.20 12.45 0.21
CA LEU F 41 34.83 11.50 -0.72
C LEU F 41 34.53 10.03 -0.37
N SER F 42 33.48 9.49 -0.98
CA SER F 42 33.00 8.13 -0.66
C SER F 42 33.10 7.13 -1.80
N THR F 43 32.57 5.93 -1.53
CA THR F 43 32.51 4.83 -2.47
C THR F 43 31.13 4.80 -3.14
N LEU F 44 30.98 4.01 -4.20
CA LEU F 44 29.67 3.80 -4.80
C LEU F 44 28.67 3.25 -3.76
N PRO F 45 27.38 3.56 -3.94
CA PRO F 45 26.37 2.99 -3.03
C PRO F 45 26.23 1.45 -3.12
N VAL F 46 25.99 0.81 -1.99
CA VAL F 46 25.74 -0.62 -2.03
C VAL F 46 24.32 -0.88 -2.53
N GLY F 47 23.56 0.20 -2.68
CA GLY F 47 22.20 0.16 -3.17
C GLY F 47 21.58 1.52 -3.46
N VAL F 48 20.70 1.57 -4.46
CA VAL F 48 19.88 2.75 -4.68
C VAL F 48 18.41 2.33 -4.74
N CYS F 49 17.60 2.86 -3.84
CA CYS F 49 16.22 2.39 -3.66
C CYS F 49 15.22 3.41 -4.16
N HIS F 50 14.27 2.95 -4.95
CA HIS F 50 13.28 3.81 -5.62
C HIS F 50 11.98 3.94 -4.83
N GLY F 51 11.39 5.12 -4.90
CA GLY F 51 10.13 5.35 -4.24
C GLY F 51 9.40 6.46 -4.96
N SER F 52 8.09 6.33 -5.04
CA SER F 52 7.28 7.35 -5.69
C SER F 52 6.15 7.76 -4.76
N GLY F 53 5.45 8.82 -5.13
CA GLY F 53 4.39 9.34 -4.28
C GLY F 53 3.71 10.50 -4.97
N PRO F 54 2.53 10.88 -4.48
CA PRO F 54 1.74 11.98 -5.06
C PRO F 54 2.39 13.34 -4.80
N THR F 55 3.12 13.49 -3.71
CA THR F 55 3.96 14.66 -3.52
C THR F 55 5.42 14.25 -3.46
N ALA F 56 6.32 15.22 -3.50
CA ALA F 56 7.73 14.90 -3.37
C ALA F 56 8.02 14.40 -1.95
N ALA F 57 7.32 14.94 -0.96
CA ALA F 57 7.45 14.53 0.43
C ALA F 57 7.09 13.05 0.64
N ASP F 58 6.01 12.62 0.01
CA ASP F 58 5.64 11.21 0.07
C ASP F 58 6.62 10.33 -0.68
N ALA F 59 7.20 10.84 -1.77
CA ALA F 59 8.13 10.04 -2.57
C ALA F 59 9.36 9.71 -1.74
N GLN F 60 9.89 10.70 -1.02
CA GLN F 60 11.00 10.46 -0.10
C GLN F 60 10.61 9.45 0.98
N ARG F 61 9.43 9.62 1.54
CA ARG F 61 8.98 8.78 2.64
C ARG F 61 8.75 7.34 2.17
N HIS F 62 8.12 7.18 1.02
CA HIS F 62 7.93 5.85 0.42
C HIS F 62 9.24 5.18 0.04
N ALA F 63 10.19 5.98 -0.44
CA ALA F 63 11.49 5.47 -0.84
C ALA F 63 12.26 4.98 0.38
N ALA F 64 12.22 5.76 1.47
CA ALA F 64 12.83 5.34 2.74
C ALA F 64 12.26 4.01 3.22
N GLN F 65 10.94 3.89 3.12
CA GLN F 65 10.25 2.68 3.52
C GLN F 65 10.74 1.51 2.67
N ASN F 66 10.90 1.76 1.39
CA ASN F 66 11.37 0.71 0.50
C ASN F 66 12.83 0.32 0.82
N ALA F 67 13.65 1.28 1.23
CA ALA F 67 15.02 0.98 1.67
C ALA F 67 14.99 0.09 2.91
N LEU F 68 14.12 0.40 3.88
CA LEU F 68 14.04 -0.39 5.11
C LEU F 68 13.67 -1.86 4.82
N GLU F 69 12.64 -2.04 4.02
CA GLU F 69 12.27 -3.37 3.53
C GLU F 69 13.43 -4.08 2.84
N TYR F 70 14.27 -3.33 2.12
CA TYR F 70 15.41 -3.92 1.45
C TYR F 70 16.48 -4.36 2.44
N LEU F 71 16.80 -3.46 3.36
CA LEU F 71 17.80 -3.74 4.38
C LEU F 71 17.42 -4.98 5.18
N MLY F 72 16.14 -5.12 5.49
CA MLY F 72 15.62 -6.24 6.28
CB MLY F 72 14.19 -5.98 6.73
CG MLY F 72 13.69 -6.95 7.78
CD MLY F 72 12.34 -6.51 8.28
CE MLY F 72 11.59 -7.66 8.96
NZ MLY F 72 10.21 -7.25 9.40
CH1 MLY F 72 9.42 -8.48 9.57
CH2 MLY F 72 10.35 -6.62 10.71
C MLY F 72 15.73 -7.60 5.59
O MLY F 72 15.85 -8.61 6.25
N ILE F 73 15.70 -7.61 4.26
CA ILE F 73 15.81 -8.85 3.50
C ILE F 73 17.29 -9.22 3.18
N MET F 74 18.15 -8.21 3.06
CA MET F 74 19.51 -8.44 2.57
C MET F 74 20.61 -8.39 3.63
N THR F 75 20.27 -8.01 4.85
CA THR F 75 21.27 -7.86 5.90
C THR F 75 20.78 -8.57 7.15
N GLY G 2 2.43 11.05 13.73
CA GLY G 2 1.28 10.30 13.25
C GLY G 2 1.63 9.24 12.22
N GLY G 3 1.90 8.02 12.71
CA GLY G 3 2.33 6.93 11.84
C GLY G 3 3.83 6.68 11.95
N ILE G 4 4.29 5.54 11.45
CA ILE G 4 5.72 5.22 11.49
C ILE G 4 6.50 6.23 10.63
N ASP G 5 7.58 6.76 11.20
CA ASP G 5 8.45 7.73 10.55
C ASP G 5 9.60 6.99 9.88
N TYR G 6 9.38 6.59 8.63
CA TYR G 6 10.31 5.75 7.92
C TYR G 6 11.67 6.42 7.71
N ILE G 7 11.62 7.70 7.39
CA ILE G 7 12.81 8.51 7.22
C ILE G 7 13.70 8.52 8.49
N MLY G 8 13.08 8.82 9.64
CA MLY G 8 13.78 8.81 10.93
CB MLY G 8 12.85 9.24 12.05
CG MLY G 8 13.54 9.44 13.39
CD MLY G 8 12.60 9.14 14.53
CE MLY G 8 13.11 9.72 15.84
NZ MLY G 8 12.00 10.16 16.74
CH1 MLY G 8 12.57 11.18 17.63
CH2 MLY G 8 10.98 10.84 15.92
C MLY G 8 14.31 7.42 11.25
O MLY G 8 15.46 7.26 11.67
N LEU G 9 13.44 6.43 11.08
CA LEU G 9 13.82 5.04 11.30
C LEU G 9 15.00 4.62 10.41
N LEU G 10 15.01 5.02 9.13
CA LEU G 10 16.13 4.69 8.25
C LEU G 10 17.39 5.43 8.69
N GLY G 11 17.20 6.55 9.37
CA GLY G 11 18.31 7.33 9.88
C GLY G 11 19.03 6.65 11.02
N GLU G 12 18.27 6.18 12.00
CA GLU G 12 18.81 5.52 13.17
C GLU G 12 19.52 4.23 12.77
N ILE G 13 18.85 3.45 11.95
CA ILE G 13 19.41 2.22 11.44
C ILE G 13 20.71 2.51 10.68
N ALA G 14 20.67 3.50 9.80
CA ALA G 14 21.87 3.97 9.11
C ALA G 14 23.00 4.27 10.07
N THR G 15 22.73 5.15 11.03
CA THR G 15 23.72 5.56 12.01
C THR G 15 24.27 4.35 12.76
N GLU G 16 23.39 3.42 13.13
CA GLU G 16 23.78 2.32 14.00
C GLU G 16 24.59 1.26 13.26
N ASN G 17 24.45 1.20 11.94
CA ASN G 17 25.16 0.22 11.13
C ASN G 17 26.16 0.86 10.16
N GLN G 18 26.55 2.10 10.45
CA GLN G 18 27.62 2.83 9.75
C GLN G 18 27.47 2.90 8.23
N PHE G 19 26.26 3.12 7.75
CA PHE G 19 26.09 3.49 6.35
C PHE G 19 25.35 4.81 6.24
N GLU G 20 25.62 5.53 5.15
CA GLU G 20 25.02 6.84 4.90
C GLU G 20 23.81 6.76 3.98
N VAL G 21 22.92 7.73 4.18
CA VAL G 21 21.65 7.81 3.48
C VAL G 21 21.50 9.18 2.81
N THR G 22 21.28 9.16 1.50
CA THR G 22 21.10 10.36 0.70
C THR G 22 19.80 10.31 -0.13
N TYR G 23 18.92 11.30 0.06
CA TYR G 23 17.72 11.39 -0.76
C TYR G 23 18.02 12.19 -2.02
N VAL G 24 17.63 11.66 -3.16
CA VAL G 24 17.77 12.38 -4.41
C VAL G 24 16.39 12.56 -5.03
N ASP G 25 15.92 13.80 -5.06
CA ASP G 25 14.63 14.16 -5.67
C ASP G 25 14.76 14.25 -7.19
N ILE G 26 13.92 13.49 -7.87
CA ILE G 26 14.00 13.37 -9.31
C ILE G 26 13.03 14.31 -9.97
N GLU G 27 13.48 14.98 -11.03
CA GLU G 27 12.64 15.92 -11.78
C GLU G 27 11.44 15.24 -12.44
N GLU G 28 11.72 14.27 -13.30
CA GLU G 28 10.69 13.60 -14.09
C GLU G 28 9.75 12.76 -13.22
N MLY G 29 8.50 12.69 -13.64
CA MLY G 29 7.49 11.92 -12.92
CB MLY G 29 6.15 12.64 -13.00
CG MLY G 29 6.26 14.10 -12.70
CD MLY G 29 5.55 14.50 -11.42
CE MLY G 29 5.99 15.88 -10.97
NZ MLY G 29 5.05 17.04 -11.28
CH1 MLY G 29 5.91 18.24 -11.27
CH2 MLY G 29 4.48 16.96 -12.63
C MLY G 29 7.37 10.55 -13.56
O MLY G 29 7.88 10.34 -14.66
N THR G 30 6.67 9.63 -12.90
CA THR G 30 6.37 8.34 -13.54
C THR G 30 5.31 8.59 -14.61
N PHE G 31 4.98 7.55 -15.37
CA PHE G 31 4.01 7.66 -16.44
C PHE G 31 2.70 8.24 -15.97
N SER G 32 2.34 7.98 -14.71
CA SER G 32 1.03 8.41 -14.21
C SER G 32 1.10 9.69 -13.38
N GLY G 33 2.24 10.39 -13.45
CA GLY G 33 2.38 11.67 -12.80
C GLY G 33 2.85 11.66 -11.34
N GLN G 34 3.56 10.61 -10.93
CA GLN G 34 4.06 10.54 -9.57
C GLN G 34 5.45 11.16 -9.40
N PHE G 35 5.62 11.91 -8.33
CA PHE G 35 6.95 12.34 -7.94
C PHE G 35 7.79 11.09 -7.71
N GLN G 36 9.08 11.16 -8.02
CA GLN G 36 9.98 10.04 -7.80
C GLN G 36 11.13 10.46 -6.93
N CYS G 37 11.60 9.55 -6.10
CA CYS G 37 12.77 9.82 -5.26
C CYS G 37 13.66 8.57 -5.19
N LEU G 38 14.97 8.78 -5.14
CA LEU G 38 15.91 7.68 -4.93
C LEU G 38 16.61 7.81 -3.58
N VAL G 39 16.61 6.76 -2.81
CA VAL G 39 17.39 6.75 -1.58
C VAL G 39 18.72 6.02 -1.79
N GLN G 40 19.82 6.73 -1.62
CA GLN G 40 21.14 6.13 -1.81
C GLN G 40 21.69 5.65 -0.48
N LEU G 41 22.11 4.39 -0.44
CA LEU G 41 22.71 3.75 0.71
C LEU G 41 24.19 3.55 0.50
N SER G 42 25.03 4.34 1.15
CA SER G 42 26.47 4.17 0.94
C SER G 42 27.20 3.94 2.26
N THR G 43 28.48 3.65 2.18
CA THR G 43 29.29 3.46 3.38
C THR G 43 30.15 4.69 3.62
N LEU G 44 30.57 4.88 4.88
CA LEU G 44 31.32 6.07 5.28
C LEU G 44 32.65 6.23 4.53
N PRO G 45 33.03 7.48 4.21
CA PRO G 45 34.30 7.77 3.52
C PRO G 45 35.53 7.18 4.22
N ALA H 1 43.36 16.54 -5.97
CA ALA H 1 44.24 17.32 -5.09
C ALA H 1 45.14 16.40 -4.25
N ALA H 2 44.52 15.64 -3.34
CA ALA H 2 45.26 14.66 -2.52
C ALA H 2 45.09 13.26 -3.11
N ALA H 3 44.37 13.19 -4.23
CA ALA H 3 44.08 11.93 -4.90
C ALA H 3 45.24 11.50 -5.79
N ALA H 4 45.49 12.26 -6.86
CA ALA H 4 46.51 11.91 -7.86
C ALA H 4 47.92 11.81 -7.27
N ALA H 5 48.15 12.49 -6.15
CA ALA H 5 49.47 12.52 -5.55
C ALA H 5 49.67 11.42 -4.50
N ALA H 6 48.92 11.52 -3.39
CA ALA H 6 49.10 10.61 -2.26
C ALA H 6 48.40 9.27 -2.44
N ALA H 7 48.24 8.84 -3.69
CA ALA H 7 47.58 7.57 -4.00
C ALA H 7 47.89 7.11 -5.43
N ALA H 8 43.85 9.46 16.80
CA ALA H 8 44.43 9.84 15.51
C ALA H 8 45.91 9.51 15.44
N ALA H 9 46.37 9.13 14.24
CA ALA H 9 47.80 8.96 13.96
C ALA H 9 48.20 9.89 12.80
N ALA H 10 49.28 10.65 12.97
CA ALA H 10 49.65 11.69 12.00
C ALA H 10 50.59 11.16 10.93
N ALA H 11 50.76 11.95 9.87
CA ALA H 11 51.65 11.64 8.74
C ALA H 11 51.71 12.85 7.80
N ALA H 12 52.88 13.49 7.72
CA ALA H 12 53.00 14.74 6.96
C ALA H 12 53.76 14.56 5.63
N ALA H 13 53.16 15.03 4.54
CA ALA H 13 53.77 14.95 3.21
C ALA H 13 54.08 16.34 2.66
N ALA H 14 54.75 16.38 1.51
CA ALA H 14 55.22 17.65 0.93
C ALA H 14 55.10 17.69 -0.60
N ALA H 15 54.11 18.44 -1.09
CA ALA H 15 53.93 18.66 -2.52
C ALA H 15 55.11 19.45 -3.11
N ALA H 16 55.47 19.16 -4.36
CA ALA H 16 56.63 19.78 -4.98
C ALA H 16 56.26 20.99 -5.84
N ALA H 17 54.95 21.25 -5.93
CA ALA H 17 54.45 22.42 -6.65
C ALA H 17 54.29 23.60 -5.69
N ALA H 18 54.17 24.80 -6.24
CA ALA H 18 53.93 25.99 -5.43
C ALA H 18 52.51 26.51 -5.66
N ALA H 19 51.94 27.17 -4.66
CA ALA H 19 50.53 27.60 -4.70
C ALA H 19 50.32 28.92 -5.45
N ALA H 20 50.47 28.87 -6.78
CA ALA H 20 50.34 30.03 -7.66
C ALA H 20 51.33 31.14 -7.28
N ALA H 21 49.94 18.70 2.32
CA ALA H 21 48.85 17.96 2.95
C ALA H 21 49.32 17.20 4.19
N ALA H 22 48.41 17.01 5.15
CA ALA H 22 48.68 16.19 6.35
C ALA H 22 47.56 15.15 6.53
N ALA H 23 47.90 13.88 6.34
CA ALA H 23 46.93 12.79 6.42
C ALA H 23 46.85 12.16 7.82
N ALA H 24 45.77 12.43 8.54
CA ALA H 24 45.56 11.87 9.87
C ALA H 24 44.63 10.65 9.81
N ALA H 25 45.15 9.48 10.20
CA ALA H 25 44.35 8.24 10.23
C ALA H 25 43.37 8.22 11.40
N ALA H 26 42.31 9.03 11.31
CA ALA H 26 41.31 9.13 12.37
C ALA H 26 40.10 8.25 12.08
N ALA H 27 36.45 9.21 9.64
CA ALA H 27 37.55 8.31 9.33
C ALA H 27 38.85 9.08 9.08
N ALA H 28 39.69 8.58 8.18
CA ALA H 28 40.95 9.23 7.79
C ALA H 28 40.71 10.68 7.33
N ALA H 29 41.56 11.60 7.76
CA ALA H 29 41.38 13.02 7.42
C ALA H 29 42.63 13.69 6.80
N ALA H 30 42.39 14.48 5.76
CA ALA H 30 43.46 15.22 5.07
C ALA H 30 43.20 16.74 5.08
N ALA H 31 44.00 17.48 5.87
CA ALA H 31 43.89 18.93 5.96
C ALA H 31 45.10 19.62 5.30
N ALA H 32 44.88 20.77 4.67
CA ALA H 32 45.96 21.53 4.03
C ALA H 32 46.14 22.89 4.69
N ALA H 33 50.59 29.52 8.41
CA ALA H 33 49.87 28.58 7.56
C ALA H 33 50.61 27.25 7.46
N ALA H 34 50.07 26.21 8.11
CA ALA H 34 50.68 24.89 8.09
C ALA H 34 49.61 23.80 8.30
N ALA H 35 50.04 22.65 8.81
CA ALA H 35 49.13 21.56 9.13
C ALA H 35 48.52 21.73 10.52
N ALA H 36 48.19 22.97 10.87
CA ALA H 36 47.50 23.28 12.11
C ALA H 36 46.03 23.51 11.81
N ALA H 37 45.67 23.38 10.53
CA ALA H 37 44.28 23.41 10.09
C ALA H 37 43.62 22.10 10.51
N ALA H 38 44.45 21.12 10.85
CA ALA H 38 43.99 19.86 11.42
C ALA H 38 43.43 20.08 12.84
N ALA H 39 44.02 21.03 13.56
CA ALA H 39 43.51 21.43 14.87
C ALA H 39 42.11 22.03 14.74
N ALA H 40 41.95 22.95 13.79
CA ALA H 40 40.64 23.52 13.47
C ALA H 40 39.87 22.58 12.53
N ALA H 41 39.61 21.36 13.00
CA ALA H 41 38.90 20.35 12.22
C ALA H 41 38.27 19.30 13.14
N ALA H 42 35.97 5.22 -9.61
CA ALA H 42 34.54 5.50 -9.57
C ALA H 42 34.05 5.75 -8.14
N ALA H 43 34.46 6.90 -7.58
CA ALA H 43 34.13 7.29 -6.21
C ALA H 43 32.88 8.20 -6.13
N ALA H 44 32.46 8.52 -4.91
CA ALA H 44 31.31 9.42 -4.71
C ALA H 44 31.70 10.61 -3.82
N ALA H 45 31.76 11.80 -4.42
CA ALA H 45 32.25 12.99 -3.71
C ALA H 45 31.13 13.85 -3.12
N ALA H 46 30.87 13.68 -1.83
CA ALA H 46 29.90 14.50 -1.10
C ALA H 46 30.54 15.84 -0.71
N ALA H 47 30.44 16.83 -1.60
CA ALA H 47 31.22 18.08 -1.49
C ALA H 47 30.81 18.97 -0.31
N ALA H 48 29.91 18.45 0.53
CA ALA H 48 29.50 19.04 1.82
C ALA H 48 29.68 20.56 1.95
C1 GOL I . -17.21 -10.47 33.26
O1 GOL I . -17.02 -11.01 31.98
C2 GOL I . -16.04 -9.59 33.66
O2 GOL I . -16.44 -8.63 34.62
C3 GOL I . -15.47 -8.90 32.43
O3 GOL I . -16.36 -7.89 31.97
#